data_3RT8
#
_entry.id   3RT8
#
_cell.length_a   49.325
_cell.length_b   49.157
_cell.length_c   140.478
_cell.angle_alpha   90.00
_cell.angle_beta   90.00
_cell.angle_gamma   90.00
#
_symmetry.space_group_name_H-M   'P 2 2 21'
#
loop_
_entity.id
_entity.type
_entity.pdbx_description
1 polymer 'Glutamate receptor 3'
2 non-polymer 3-(5-chloro-2,4-dioxo-3,4-dihydropyrimidin-1(2H)-yl)-L-alanine
3 non-polymer 'ZINC ION'
4 water water
#
_entity_poly.entity_id   1
_entity_poly.type   'polypeptide(L)'
_entity_poly.pdbx_seq_one_letter_code
;RTIVVTTILESPYVMYKKNHEQLEGNERYEGYCVDLAYEIAKHVRIKYKLSIVGDGKYGARDPETKIWNGMVGELVYGRA
DIAVAPLTITLVREEVIDFSKPFMSLGISIMIKKGTPIESAEDLAKQTEIAYGTLDSGSTKEFFRRSKIAVYEKMWSYMK
SAEPSVFTKTTADGVARVRKSKGKFAFLLESTMNEYIEQRKPCDTMKVGGNLDSKGYGVATPKGSALGTPVNLAVLKLSE
QGILDKLKNKWWYDKGEC
;
_entity_poly.pdbx_strand_id   A
#
# COMPACT_ATOMS: atom_id res chain seq x y z
N ARG A 1 -6.77 26.47 -9.66
CA ARG A 1 -7.51 25.75 -10.69
C ARG A 1 -6.75 24.50 -11.13
N THR A 2 -5.46 24.47 -10.84
CA THR A 2 -4.67 23.26 -11.04
C THR A 2 -4.67 22.46 -9.74
N ILE A 3 -5.19 21.24 -9.81
CA ILE A 3 -5.36 20.35 -8.66
C ILE A 3 -4.03 19.70 -8.22
N VAL A 4 -3.75 19.77 -6.92
CA VAL A 4 -2.61 19.05 -6.32
C VAL A 4 -3.03 17.61 -6.02
N VAL A 5 -2.30 16.66 -6.58
CA VAL A 5 -2.57 15.24 -6.34
C VAL A 5 -1.42 14.62 -5.56
N THR A 6 -1.62 14.38 -4.27
CA THR A 6 -0.60 13.76 -3.42
C THR A 6 -0.47 12.26 -3.70
N THR A 7 0.76 11.76 -3.71
CA THR A 7 1.00 10.33 -3.79
C THR A 7 2.33 9.88 -3.14
N ILE A 8 2.66 8.60 -3.26
CA ILE A 8 3.84 8.05 -2.60
C ILE A 8 4.69 7.22 -3.56
N LEU A 9 6.01 7.25 -3.34
CA LEU A 9 6.93 6.46 -4.14
C LEU A 9 6.90 5.01 -3.67
N GLU A 10 6.31 4.14 -4.48
CA GLU A 10 6.13 2.74 -4.10
C GLU A 10 5.80 1.91 -5.34
N SER A 11 6.75 1.10 -5.78
CA SER A 11 6.58 0.32 -7.00
C SER A 11 5.55 -0.80 -6.82
N PRO A 12 4.79 -1.08 -7.86
CA PRO A 12 4.94 -0.35 -9.12
C PRO A 12 3.83 0.67 -9.33
N TYR A 13 3.44 1.37 -8.27
CA TYR A 13 2.39 2.38 -8.36
C TYR A 13 2.98 3.66 -8.97
N VAL A 14 3.99 4.20 -8.30
CA VAL A 14 4.70 5.37 -8.79
C VAL A 14 6.21 5.14 -8.74
N MET A 15 6.88 5.37 -9.87
CA MET A 15 8.32 5.17 -9.98
C MET A 15 8.95 6.25 -10.87
N TYR A 16 10.23 6.54 -10.63
CA TYR A 16 10.99 7.44 -11.51
C TYR A 16 11.23 6.79 -12.88
N LYS A 17 10.93 7.53 -13.94
CA LYS A 17 11.16 7.03 -15.29
C LYS A 17 12.66 6.86 -15.54
N LYS A 18 13.01 6.00 -16.48
CA LYS A 18 14.42 5.62 -16.75
C LYS A 18 15.35 6.83 -16.82
N ASN A 19 14.86 7.92 -17.39
CA ASN A 19 15.63 9.16 -17.50
C ASN A 19 14.93 10.37 -16.86
N HIS A 20 14.32 10.13 -15.70
CA HIS A 20 13.59 11.15 -14.95
C HIS A 20 14.40 12.42 -14.73
N GLU A 21 15.69 12.26 -14.45
CA GLU A 21 16.54 13.40 -14.09
C GLU A 21 16.65 14.41 -15.24
N GLN A 22 16.11 14.04 -16.40
CA GLN A 22 16.17 14.90 -17.57
C GLN A 22 14.78 15.37 -18.03
N LEU A 23 13.79 15.25 -17.15
CA LEU A 23 12.44 15.68 -17.46
C LEU A 23 11.92 16.64 -16.39
N GLU A 24 10.61 16.90 -16.41
CA GLU A 24 10.02 17.82 -15.44
C GLU A 24 8.52 17.59 -15.28
N GLY A 25 7.98 18.04 -14.15
CA GLY A 25 6.56 17.91 -13.88
C GLY A 25 6.13 16.46 -13.90
N ASN A 26 4.99 16.19 -14.50
CA ASN A 26 4.39 14.86 -14.44
C ASN A 26 5.13 13.81 -15.28
N GLU A 27 6.08 14.27 -16.09
CA GLU A 27 6.79 13.40 -17.01
C GLU A 27 7.92 12.62 -16.31
N ARG A 28 8.21 12.98 -15.07
CA ARG A 28 9.28 12.32 -14.33
C ARG A 28 8.87 10.92 -13.90
N TYR A 29 7.57 10.69 -13.79
CA TYR A 29 7.07 9.47 -13.15
C TYR A 29 6.30 8.55 -14.11
N GLU A 30 6.18 7.29 -13.72
CA GLU A 30 5.35 6.29 -14.41
C GLU A 30 4.88 5.23 -13.42
N GLY A 31 3.77 4.57 -13.72
CA GLY A 31 3.30 3.47 -12.88
C GLY A 31 1.80 3.27 -12.96
N TYR A 32 1.29 2.38 -12.11
CA TYR A 32 -0.16 2.12 -12.04
C TYR A 32 -0.99 3.35 -11.68
N CYS A 33 -0.57 4.12 -10.67
CA CYS A 33 -1.38 5.24 -10.21
C CYS A 33 -1.19 6.51 -11.03
N VAL A 34 -0.05 6.61 -11.73
CA VAL A 34 0.20 7.69 -12.67
C VAL A 34 -0.80 7.60 -13.82
N ASP A 35 -0.99 6.39 -14.32
CA ASP A 35 -2.01 6.13 -15.33
C ASP A 35 -3.42 6.38 -14.79
N LEU A 36 -3.70 5.90 -13.59
CA LEU A 36 -5.01 6.06 -12.97
C LEU A 36 -5.37 7.55 -12.83
N ALA A 37 -4.44 8.35 -12.30
CA ALA A 37 -4.62 9.80 -12.22
C ALA A 37 -4.93 10.41 -13.58
N TYR A 38 -4.24 9.94 -14.61
CA TYR A 38 -4.47 10.42 -15.97
C TYR A 38 -5.90 10.13 -16.44
N GLU A 39 -6.39 8.92 -16.19
CA GLU A 39 -7.74 8.55 -16.65
C GLU A 39 -8.82 9.26 -15.86
N ILE A 40 -8.66 9.32 -14.55
CA ILE A 40 -9.59 10.07 -13.70
C ILE A 40 -9.62 11.55 -14.11
N ALA A 41 -8.45 12.16 -14.22
CA ALA A 41 -8.38 13.58 -14.57
C ALA A 41 -9.02 13.86 -15.93
N LYS A 42 -9.14 12.82 -16.74
CA LYS A 42 -9.70 12.96 -18.09
C LYS A 42 -11.23 12.89 -18.14
N HIS A 43 -11.84 12.12 -17.24
CA HIS A 43 -13.30 12.08 -17.11
C HIS A 43 -13.83 13.25 -16.31
N VAL A 44 -13.03 13.72 -15.36
CA VAL A 44 -13.38 14.83 -14.50
C VAL A 44 -13.00 16.17 -15.15
N ARG A 45 -12.19 16.09 -16.21
CA ARG A 45 -11.79 17.28 -16.98
C ARG A 45 -11.10 18.36 -16.15
N ILE A 46 -9.90 18.05 -15.67
CA ILE A 46 -9.14 18.99 -14.86
C ILE A 46 -7.68 18.89 -15.25
N LYS A 47 -6.93 19.94 -14.92
CA LYS A 47 -5.48 19.87 -15.00
C LYS A 47 -4.93 19.58 -13.60
N TYR A 48 -3.80 18.90 -13.53
CA TYR A 48 -3.27 18.43 -12.24
C TYR A 48 -1.75 18.31 -12.24
N LYS A 49 -1.16 18.34 -11.05
CA LYS A 49 0.27 18.13 -10.90
C LYS A 49 0.53 17.11 -9.78
N LEU A 50 1.23 16.03 -10.10
CA LEU A 50 1.53 15.01 -9.11
C LEU A 50 2.54 15.56 -8.11
N SER A 51 2.37 15.18 -6.84
CA SER A 51 3.24 15.65 -5.77
C SER A 51 3.52 14.55 -4.73
N ILE A 52 4.80 14.23 -4.50
CA ILE A 52 5.19 13.18 -3.57
C ILE A 52 5.16 13.62 -2.10
N VAL A 53 4.43 12.88 -1.28
CA VAL A 53 4.29 13.22 0.14
C VAL A 53 5.66 13.36 0.82
N GLY A 54 5.87 14.48 1.52
CA GLY A 54 7.15 14.79 2.14
C GLY A 54 7.71 13.76 3.12
N ASP A 55 6.86 13.18 3.96
CA ASP A 55 7.33 12.27 5.00
C ASP A 55 7.25 10.78 4.63
N GLY A 56 6.76 10.50 3.43
CA GLY A 56 6.63 9.13 2.94
C GLY A 56 5.68 8.23 3.72
N LYS A 57 4.74 8.80 4.45
CA LYS A 57 3.79 7.99 5.22
C LYS A 57 2.38 7.95 4.64
N TYR A 58 1.62 6.94 5.08
CA TYR A 58 0.28 6.72 4.56
C TYR A 58 -0.76 7.58 5.28
N GLY A 59 -0.83 7.44 6.60
CA GLY A 59 -1.63 8.35 7.41
C GLY A 59 -2.00 7.81 8.77
N ALA A 60 -1.43 8.38 9.82
CA ALA A 60 -1.79 8.01 11.18
C ALA A 60 -1.86 9.23 12.08
N ARG A 61 -2.59 9.08 13.18
CA ARG A 61 -2.79 10.18 14.13
C ARG A 61 -2.01 9.98 15.43
N ASP A 62 -1.12 10.91 15.74
CA ASP A 62 -0.30 10.81 16.93
C ASP A 62 -1.15 10.92 18.21
N PRO A 63 -1.04 9.92 19.10
CA PRO A 63 -1.89 9.78 20.29
C PRO A 63 -1.69 10.86 21.35
N GLU A 64 -0.56 11.57 21.30
CA GLU A 64 -0.32 12.63 22.27
C GLU A 64 -0.53 14.00 21.65
N THR A 65 -0.05 14.16 20.43
CA THR A 65 -0.11 15.44 19.76
C THR A 65 -1.43 15.61 19.00
N LYS A 66 -1.99 14.49 18.57
CA LYS A 66 -3.27 14.48 17.86
C LYS A 66 -3.20 15.12 16.47
N ILE A 67 -1.98 15.35 16.01
CA ILE A 67 -1.75 15.74 14.63
C ILE A 67 -1.80 14.49 13.75
N TRP A 68 -2.35 14.64 12.54
CA TRP A 68 -2.34 13.57 11.54
C TRP A 68 -1.14 13.72 10.61
N ASN A 69 -0.50 12.60 10.27
CA ASN A 69 0.63 12.62 9.35
C ASN A 69 0.37 11.94 7.98
N GLY A 70 1.41 11.86 7.14
CA GLY A 70 1.31 11.19 5.85
C GLY A 70 0.37 11.84 4.83
N MET A 71 -0.07 11.06 3.86
CA MET A 71 -1.01 11.54 2.84
C MET A 71 -2.32 11.98 3.48
N VAL A 72 -2.82 11.20 4.44
CA VAL A 72 -4.03 11.58 5.14
C VAL A 72 -3.90 12.99 5.72
N GLY A 73 -2.77 13.27 6.38
CA GLY A 73 -2.50 14.61 6.90
C GLY A 73 -2.53 15.71 5.85
N GLU A 74 -2.09 15.40 4.63
CA GLU A 74 -2.09 16.40 3.57
C GLU A 74 -3.51 16.83 3.18
N LEU A 75 -4.46 15.91 3.25
CA LEU A 75 -5.85 16.24 2.91
C LEU A 75 -6.55 16.98 4.06
N VAL A 76 -6.31 16.54 5.29
CA VAL A 76 -6.97 17.08 6.47
C VAL A 76 -6.63 18.56 6.73
N TYR A 77 -5.38 18.95 6.48
CA TYR A 77 -4.93 20.32 6.67
C TYR A 77 -4.99 21.17 5.38
N GLY A 78 -5.39 20.56 4.28
CA GLY A 78 -5.71 21.28 3.07
C GLY A 78 -4.59 21.60 2.11
N ARG A 79 -3.49 20.84 2.17
CA ARG A 79 -2.35 21.08 1.30
C ARG A 79 -2.44 20.31 -0.02
N ALA A 80 -3.32 19.31 -0.07
CA ALA A 80 -3.57 18.56 -1.30
C ALA A 80 -5.07 18.46 -1.57
N ASP A 81 -5.45 18.33 -2.83
CA ASP A 81 -6.88 18.31 -3.17
C ASP A 81 -7.37 16.88 -3.31
N ILE A 82 -6.47 15.98 -3.72
CA ILE A 82 -6.80 14.57 -3.81
C ILE A 82 -5.58 13.67 -3.62
N ALA A 83 -5.80 12.46 -3.15
CA ALA A 83 -4.74 11.48 -3.04
C ALA A 83 -5.01 10.31 -3.96
N VAL A 84 -4.01 9.95 -4.77
CA VAL A 84 -4.11 8.76 -5.63
C VAL A 84 -2.94 7.80 -5.35
N ALA A 85 -3.25 6.70 -4.65
CA ALA A 85 -2.23 5.80 -4.13
C ALA A 85 -2.80 4.50 -3.53
N PRO A 86 -1.93 3.58 -3.09
CA PRO A 86 -2.43 2.38 -2.41
C PRO A 86 -2.79 2.66 -0.94
N LEU A 87 -3.78 3.52 -0.73
CA LEU A 87 -4.22 3.93 0.61
C LEU A 87 -5.45 3.14 1.08
N THR A 88 -5.28 2.37 2.15
CA THR A 88 -6.31 1.48 2.67
C THR A 88 -7.50 2.21 3.33
N ILE A 89 -8.70 1.73 3.01
CA ILE A 89 -9.93 2.28 3.60
C ILE A 89 -10.15 1.73 5.03
N THR A 90 -10.11 2.60 6.03
CA THR A 90 -10.35 2.18 7.42
C THR A 90 -11.36 3.06 8.16
N LEU A 91 -11.83 2.56 9.30
CA LEU A 91 -12.79 3.32 10.09
C LEU A 91 -12.20 4.63 10.64
N VAL A 92 -11.00 4.57 11.22
CA VAL A 92 -10.37 5.77 11.78
C VAL A 92 -10.21 6.90 10.75
N ARG A 93 -9.72 6.55 9.57
CA ARG A 93 -9.55 7.52 8.49
C ARG A 93 -10.89 8.05 7.94
N GLU A 94 -11.86 7.17 7.76
CA GLU A 94 -13.15 7.53 7.19
C GLU A 94 -13.87 8.57 8.06
N GLU A 95 -13.44 8.70 9.31
CA GLU A 95 -13.99 9.71 10.20
C GLU A 95 -13.48 11.10 9.89
N VAL A 96 -12.37 11.21 9.17
CA VAL A 96 -11.76 12.51 8.92
C VAL A 96 -11.56 12.89 7.44
N ILE A 97 -11.68 11.94 6.52
CA ILE A 97 -11.62 12.21 5.07
C ILE A 97 -12.64 11.33 4.34
N ASP A 98 -12.83 11.56 3.05
CA ASP A 98 -13.70 10.69 2.24
C ASP A 98 -12.92 9.75 1.32
N PHE A 99 -13.51 8.60 1.01
CA PHE A 99 -12.93 7.62 0.09
C PHE A 99 -13.91 7.32 -1.04
N SER A 100 -13.40 7.08 -2.23
CA SER A 100 -14.22 6.51 -3.28
C SER A 100 -14.42 5.02 -3.02
N LYS A 101 -15.32 4.41 -3.76
CA LYS A 101 -15.42 2.96 -3.73
C LYS A 101 -14.11 2.32 -4.22
N PRO A 102 -13.75 1.16 -3.67
CA PRO A 102 -12.41 0.59 -3.91
C PRO A 102 -12.06 0.47 -5.39
N PHE A 103 -10.82 0.81 -5.75
CA PHE A 103 -10.31 0.50 -7.10
C PHE A 103 -9.48 -0.79 -7.13
N MET A 104 -9.17 -1.34 -5.96
CA MET A 104 -8.45 -2.60 -5.83
C MET A 104 -8.84 -3.35 -4.54
N SER A 105 -8.92 -4.68 -4.64
CA SER A 105 -9.29 -5.56 -3.53
C SER A 105 -8.09 -6.38 -3.04
N LEU A 106 -7.92 -6.50 -1.73
CA LEU A 106 -6.74 -7.17 -1.19
C LEU A 106 -6.89 -7.59 0.28
N GLY A 107 -5.85 -8.23 0.82
CA GLY A 107 -5.79 -8.62 2.22
C GLY A 107 -4.37 -8.89 2.69
N ILE A 108 -4.19 -8.99 4.01
CA ILE A 108 -2.89 -9.29 4.60
C ILE A 108 -2.43 -10.70 4.25
N SER A 109 -1.12 -10.89 4.05
CA SER A 109 -0.61 -12.17 3.59
C SER A 109 0.82 -12.48 4.06
N ILE A 110 1.28 -13.69 3.76
CA ILE A 110 2.59 -14.15 4.20
C ILE A 110 3.61 -14.26 3.03
N MET A 111 4.77 -13.65 3.18
CA MET A 111 5.85 -13.79 2.20
C MET A 111 7.01 -14.55 2.84
N ILE A 112 7.46 -15.62 2.17
CA ILE A 112 8.60 -16.40 2.63
C ILE A 112 9.66 -16.55 1.56
N LYS A 113 10.85 -16.90 1.99
CA LYS A 113 11.91 -17.28 1.06
C LYS A 113 11.66 -18.73 0.67
N LYS A 114 11.78 -19.03 -0.61
CA LYS A 114 11.46 -20.38 -1.08
C LYS A 114 12.18 -21.43 -0.24
N GLY A 115 11.45 -22.44 0.19
CA GLY A 115 12.02 -23.51 0.98
C GLY A 115 11.68 -23.47 2.47
N THR A 116 11.24 -22.32 2.96
CA THR A 116 10.87 -22.17 4.36
C THR A 116 9.68 -23.07 4.73
N PRO A 117 9.76 -23.78 5.88
CA PRO A 117 8.70 -24.70 6.32
C PRO A 117 7.57 -23.97 7.02
N ILE A 118 6.90 -23.07 6.31
CA ILE A 118 5.75 -22.35 6.88
C ILE A 118 4.59 -22.37 5.89
N GLU A 119 3.38 -22.63 6.38
CA GLU A 119 2.20 -22.61 5.52
C GLU A 119 1.10 -21.66 5.99
N SER A 120 1.16 -21.27 7.27
CA SER A 120 0.08 -20.49 7.85
C SER A 120 0.54 -19.63 9.02
N ALA A 121 -0.32 -18.70 9.42
CA ALA A 121 -0.10 -17.88 10.61
C ALA A 121 -0.05 -18.74 11.88
N GLU A 122 -0.80 -19.83 11.90
CA GLU A 122 -0.74 -20.79 13.00
C GLU A 122 0.64 -21.43 13.10
N ASP A 123 1.27 -21.66 11.95
CA ASP A 123 2.63 -22.23 11.93
C ASP A 123 3.65 -21.24 12.48
N LEU A 124 3.48 -19.97 12.18
CA LEU A 124 4.37 -18.92 12.68
C LEU A 124 4.26 -18.72 14.21
N ALA A 125 3.04 -18.55 14.70
CA ALA A 125 2.83 -18.21 16.10
C ALA A 125 3.30 -19.28 17.09
N LYS A 126 3.30 -20.54 16.66
CA LYS A 126 3.68 -21.64 17.55
C LYS A 126 5.18 -21.98 17.55
N GLN A 127 6.03 -21.01 17.24
CA GLN A 127 7.48 -21.22 17.24
C GLN A 127 8.26 -19.90 17.20
N THR A 128 9.56 -19.95 17.50
CA THR A 128 10.36 -18.72 17.55
C THR A 128 11.65 -18.79 16.73
N GLU A 129 11.95 -19.97 16.22
CA GLU A 129 13.08 -20.16 15.31
C GLU A 129 13.04 -19.09 14.22
N ILE A 130 11.86 -18.91 13.63
CA ILE A 130 11.66 -17.97 12.54
C ILE A 130 11.04 -16.66 13.04
N ALA A 131 11.78 -15.57 12.85
CA ALA A 131 11.30 -14.24 13.21
C ALA A 131 10.44 -13.64 12.09
N TYR A 132 9.53 -12.75 12.45
CA TYR A 132 8.65 -12.13 11.47
C TYR A 132 8.18 -10.74 11.90
N GLY A 133 7.84 -9.89 10.93
CA GLY A 133 7.39 -8.55 11.22
C GLY A 133 6.47 -7.96 10.19
N THR A 134 6.23 -6.65 10.31
CA THR A 134 5.37 -5.93 9.38
C THR A 134 5.95 -4.56 9.05
N LEU A 135 5.42 -3.92 8.01
CA LEU A 135 5.76 -2.53 7.75
C LEU A 135 5.37 -1.77 8.99
N ASP A 136 6.05 -0.66 9.25
CA ASP A 136 5.68 0.14 10.41
C ASP A 136 4.61 1.16 10.07
N SER A 137 3.85 1.56 11.10
CA SER A 137 3.03 2.75 11.03
C SER A 137 1.96 2.69 9.95
N GLY A 138 1.45 1.50 9.67
CA GLY A 138 0.39 1.34 8.68
C GLY A 138 -0.78 0.53 9.19
N SER A 139 -1.74 0.26 8.31
CA SER A 139 -2.91 -0.55 8.64
C SER A 139 -2.57 -2.02 8.99
N THR A 140 -1.51 -2.58 8.40
CA THR A 140 -1.11 -3.94 8.75
C THR A 140 -0.68 -4.00 10.22
N LYS A 141 0.22 -3.11 10.62
CA LYS A 141 0.64 -3.07 12.02
C LYS A 141 -0.58 -2.94 12.92
N GLU A 142 -1.38 -1.93 12.64
CA GLU A 142 -2.57 -1.65 13.43
C GLU A 142 -3.49 -2.85 13.58
N PHE A 143 -3.53 -3.70 12.56
CA PHE A 143 -4.42 -4.87 12.57
C PHE A 143 -4.07 -5.87 13.68
N PHE A 144 -2.78 -6.10 13.90
CA PHE A 144 -2.34 -7.04 14.93
C PHE A 144 -2.48 -6.40 16.32
N ARG A 145 -2.38 -5.08 16.38
CA ARG A 145 -2.47 -4.35 17.63
C ARG A 145 -3.87 -4.51 18.22
N ARG A 146 -4.87 -4.38 17.36
CA ARG A 146 -6.26 -4.33 17.78
C ARG A 146 -6.97 -5.67 17.77
N SER A 147 -6.27 -6.74 17.42
CA SER A 147 -6.94 -8.03 17.27
C SER A 147 -7.37 -8.67 18.61
N LYS A 148 -8.53 -9.30 18.60
CA LYS A 148 -9.03 -10.06 19.74
C LYS A 148 -9.15 -11.53 19.38
N ILE A 149 -8.59 -11.89 18.23
CA ILE A 149 -8.54 -13.30 17.82
C ILE A 149 -7.29 -13.97 18.38
N ALA A 150 -7.44 -15.17 18.92
CA ALA A 150 -6.37 -15.82 19.69
C ALA A 150 -5.01 -15.91 19.00
N VAL A 151 -4.99 -16.37 17.76
CA VAL A 151 -3.72 -16.60 17.04
C VAL A 151 -2.98 -15.30 16.75
N TYR A 152 -3.72 -14.26 16.39
CA TYR A 152 -3.13 -12.96 16.10
C TYR A 152 -2.77 -12.23 17.40
N GLU A 153 -3.57 -12.48 18.43
CA GLU A 153 -3.28 -12.02 19.78
C GLU A 153 -1.97 -12.62 20.25
N LYS A 154 -1.60 -13.76 19.68
CA LYS A 154 -0.37 -14.40 20.09
C LYS A 154 0.80 -13.80 19.31
N MET A 155 0.58 -13.58 18.02
CA MET A 155 1.61 -13.10 17.12
C MET A 155 2.07 -11.69 17.47
N TRP A 156 1.14 -10.84 17.92
CA TRP A 156 1.46 -9.45 18.20
C TRP A 156 2.20 -9.31 19.51
N SER A 157 2.06 -10.30 20.37
CA SER A 157 2.76 -10.32 21.64
C SER A 157 4.23 -10.67 21.43
N TYR A 158 4.50 -11.55 20.48
CA TYR A 158 5.89 -11.79 20.06
C TYR A 158 6.52 -10.54 19.43
N MET A 159 5.91 -10.06 18.35
CA MET A 159 6.43 -8.90 17.62
C MET A 159 6.64 -7.70 18.53
N LYS A 160 5.96 -7.71 19.67
CA LYS A 160 6.01 -6.63 20.64
C LYS A 160 7.36 -6.54 21.35
N SER A 161 7.85 -7.68 21.81
CA SER A 161 9.13 -7.75 22.51
C SER A 161 10.24 -8.35 21.65
N ALA A 162 10.12 -8.17 20.34
CA ALA A 162 11.10 -8.70 19.40
C ALA A 162 12.43 -7.97 19.48
N GLU A 163 13.52 -8.74 19.56
CA GLU A 163 14.85 -8.17 19.56
C GLU A 163 15.76 -8.85 18.53
N PRO A 164 16.24 -8.09 17.52
CA PRO A 164 15.99 -6.66 17.33
C PRO A 164 14.60 -6.34 16.79
N SER A 165 14.36 -5.05 16.52
CA SER A 165 13.09 -4.58 15.99
C SER A 165 12.65 -5.39 14.77
N VAL A 166 11.44 -5.91 14.85
CA VAL A 166 10.90 -6.80 13.84
C VAL A 166 10.18 -6.04 12.71
N PHE A 167 9.81 -4.78 12.99
CA PHE A 167 9.16 -3.94 12.00
C PHE A 167 10.20 -3.35 11.04
N THR A 168 9.74 -2.69 9.97
CA THR A 168 10.66 -2.10 8.99
C THR A 168 10.25 -0.67 8.61
N LYS A 169 11.18 0.04 7.97
CA LYS A 169 10.93 1.41 7.54
C LYS A 169 10.30 1.46 6.14
N THR A 170 10.41 0.35 5.41
CA THR A 170 9.94 0.30 4.02
C THR A 170 9.54 -1.12 3.65
N THR A 171 8.68 -1.22 2.64
CA THR A 171 8.35 -2.50 2.06
C THR A 171 9.64 -3.13 1.54
N ALA A 172 10.38 -2.36 0.76
CA ALA A 172 11.66 -2.79 0.19
C ALA A 172 12.59 -3.38 1.23
N ASP A 173 12.65 -2.75 2.40
CA ASP A 173 13.54 -3.22 3.45
C ASP A 173 13.12 -4.59 3.99
N GLY A 174 11.81 -4.84 4.01
CA GLY A 174 11.29 -6.12 4.44
C GLY A 174 11.66 -7.24 3.48
N VAL A 175 11.33 -7.05 2.22
CA VAL A 175 11.66 -8.04 1.20
C VAL A 175 13.14 -8.35 1.27
N ALA A 176 13.97 -7.30 1.26
CA ALA A 176 15.42 -7.46 1.35
C ALA A 176 15.81 -8.32 2.53
N ARG A 177 15.15 -8.13 3.67
CA ARG A 177 15.50 -8.90 4.87
C ARG A 177 15.05 -10.35 4.76
N VAL A 178 14.04 -10.59 3.95
CA VAL A 178 13.60 -11.96 3.65
C VAL A 178 14.62 -12.64 2.75
N ARG A 179 15.10 -11.91 1.75
CA ARG A 179 16.04 -12.46 0.80
C ARG A 179 17.42 -12.71 1.42
N LYS A 180 17.81 -11.86 2.36
CA LYS A 180 19.12 -11.98 3.00
C LYS A 180 19.20 -12.99 4.14
N SER A 181 18.07 -13.28 4.78
CA SER A 181 18.09 -14.00 6.06
C SER A 181 18.00 -15.52 5.93
N LYS A 182 18.18 -16.04 4.73
CA LYS A 182 18.27 -17.49 4.54
C LYS A 182 17.13 -18.27 5.20
N GLY A 183 15.90 -17.75 5.07
CA GLY A 183 14.72 -18.44 5.58
C GLY A 183 14.49 -18.38 7.09
N LYS A 184 15.08 -17.39 7.77
CA LYS A 184 14.85 -17.22 9.20
C LYS A 184 13.99 -15.98 9.49
N PHE A 185 13.53 -15.33 8.45
CA PHE A 185 12.66 -14.17 8.61
C PHE A 185 11.56 -14.22 7.56
N ALA A 186 10.33 -14.04 8.02
CA ALA A 186 9.17 -13.99 7.13
C ALA A 186 8.47 -12.66 7.28
N PHE A 187 7.90 -12.16 6.18
CA PHE A 187 7.33 -10.83 6.15
C PHE A 187 5.82 -10.86 5.94
N LEU A 188 5.10 -10.12 6.77
CA LEU A 188 3.65 -10.00 6.64
C LEU A 188 3.27 -8.68 6.00
N LEU A 189 2.81 -8.75 4.75
CA LEU A 189 2.52 -7.55 3.96
C LEU A 189 1.29 -7.75 3.09
N GLU A 190 0.73 -6.65 2.61
CA GLU A 190 -0.43 -6.68 1.73
C GLU A 190 -0.15 -7.46 0.45
N SER A 191 -1.16 -8.20 0.00
CA SER A 191 -0.95 -9.23 -1.01
C SER A 191 -0.71 -8.69 -2.41
N THR A 192 -1.11 -7.45 -2.65
CA THR A 192 -0.85 -6.75 -3.90
C THR A 192 0.66 -6.67 -4.12
N MET A 193 1.37 -6.30 -3.06
CA MET A 193 2.83 -6.15 -3.11
C MET A 193 3.52 -7.52 -3.13
N ASN A 194 2.98 -8.47 -2.38
CA ASN A 194 3.48 -9.85 -2.37
C ASN A 194 3.45 -10.44 -3.77
N GLU A 195 2.33 -10.23 -4.47
CA GLU A 195 2.11 -10.77 -5.82
C GLU A 195 3.03 -10.14 -6.86
N TYR A 196 3.37 -8.88 -6.65
CA TYR A 196 4.23 -8.15 -7.58
C TYR A 196 5.69 -8.59 -7.40
N ILE A 197 6.17 -8.59 -6.16
CA ILE A 197 7.53 -9.04 -5.85
C ILE A 197 7.80 -10.44 -6.38
N GLU A 198 6.78 -11.30 -6.33
CA GLU A 198 6.91 -12.68 -6.76
C GLU A 198 7.28 -12.82 -8.25
N GLN A 199 6.89 -11.82 -9.06
CA GLN A 199 7.14 -11.85 -10.51
C GLN A 199 8.35 -11.02 -10.90
N ARG A 200 9.27 -10.87 -9.94
CA ARG A 200 10.49 -10.10 -10.16
C ARG A 200 11.72 -10.95 -9.83
N LYS A 201 12.76 -10.80 -10.63
CA LYS A 201 14.05 -11.40 -10.34
C LYS A 201 14.50 -10.94 -8.96
N PRO A 202 15.22 -11.79 -8.21
CA PRO A 202 15.76 -13.10 -8.60
C PRO A 202 14.78 -14.28 -8.52
N CYS A 203 13.48 -14.02 -8.39
CA CYS A 203 12.49 -15.08 -8.31
C CYS A 203 12.80 -16.05 -7.16
N ASP A 204 12.96 -15.52 -5.96
CA ASP A 204 13.24 -16.35 -4.79
C ASP A 204 12.23 -16.23 -3.63
N THR A 205 11.13 -15.51 -3.85
CA THR A 205 10.10 -15.38 -2.82
C THR A 205 8.77 -15.95 -3.31
N MET A 206 7.81 -16.08 -2.40
CA MET A 206 6.47 -16.53 -2.79
C MET A 206 5.44 -16.32 -1.68
N LYS A 207 4.19 -16.09 -2.09
CA LYS A 207 3.06 -15.98 -1.17
C LYS A 207 2.65 -17.38 -0.70
N VAL A 208 2.48 -17.56 0.60
CA VAL A 208 2.02 -18.84 1.13
C VAL A 208 0.75 -18.72 1.98
N GLY A 209 -0.22 -19.58 1.71
CA GLY A 209 -1.48 -19.57 2.43
C GLY A 209 -2.53 -18.62 1.86
N GLY A 210 -3.61 -18.41 2.62
CA GLY A 210 -4.67 -17.52 2.21
C GLY A 210 -4.56 -16.19 2.93
N ASN A 211 -5.41 -15.23 2.56
CA ASN A 211 -5.36 -13.90 3.15
C ASN A 211 -5.96 -13.84 4.57
N LEU A 212 -5.40 -12.97 5.40
CA LEU A 212 -5.84 -12.85 6.78
C LEU A 212 -7.17 -12.10 6.91
N ASP A 213 -7.45 -11.21 5.94
CA ASP A 213 -8.65 -10.39 5.96
C ASP A 213 -9.02 -9.89 4.56
N SER A 214 -10.12 -9.14 4.47
CA SER A 214 -10.57 -8.59 3.19
C SER A 214 -10.71 -7.08 3.28
N LYS A 215 -10.16 -6.37 2.29
CA LYS A 215 -10.31 -4.92 2.23
C LYS A 215 -9.98 -4.32 0.86
N GLY A 216 -9.94 -2.99 0.80
CA GLY A 216 -9.73 -2.29 -0.46
C GLY A 216 -8.96 -0.98 -0.38
N TYR A 217 -8.51 -0.50 -1.54
CA TYR A 217 -7.87 0.81 -1.65
C TYR A 217 -8.91 1.77 -2.20
N GLY A 218 -8.88 3.02 -1.76
CA GLY A 218 -9.75 4.06 -2.29
C GLY A 218 -8.99 5.34 -2.65
N VAL A 219 -9.56 6.11 -3.57
CA VAL A 219 -9.06 7.45 -3.89
C VAL A 219 -9.71 8.44 -2.92
N ALA A 220 -8.90 9.30 -2.29
CA ALA A 220 -9.41 10.14 -1.20
C ALA A 220 -9.42 11.65 -1.47
N THR A 221 -10.44 12.30 -0.92
CA THR A 221 -10.60 13.76 -0.98
C THR A 221 -10.95 14.27 0.43
N PRO A 222 -10.66 15.54 0.71
CA PRO A 222 -11.05 16.13 2.00
C PRO A 222 -12.57 16.10 2.18
N LYS A 223 -13.04 16.06 3.43
CA LYS A 223 -14.47 16.02 3.69
C LYS A 223 -15.20 17.23 3.13
N GLY A 224 -16.24 16.98 2.35
CA GLY A 224 -17.06 18.04 1.80
C GLY A 224 -16.55 18.64 0.50
N SER A 225 -15.47 18.09 -0.02
CA SER A 225 -14.90 18.57 -1.28
C SER A 225 -15.90 18.37 -2.42
N ALA A 226 -15.82 19.24 -3.42
CA ALA A 226 -16.70 19.17 -4.57
C ALA A 226 -16.21 18.13 -5.60
N LEU A 227 -14.98 17.67 -5.44
CA LEU A 227 -14.42 16.70 -6.36
C LEU A 227 -14.75 15.27 -5.96
N GLY A 228 -15.35 15.11 -4.78
CA GLY A 228 -15.67 13.80 -4.22
C GLY A 228 -16.61 12.96 -5.06
N THR A 229 -17.74 13.54 -5.47
CA THR A 229 -18.72 12.83 -6.28
C THR A 229 -18.27 12.53 -7.72
N PRO A 230 -17.70 13.52 -8.41
CA PRO A 230 -17.17 13.24 -9.75
C PRO A 230 -16.06 12.18 -9.75
N VAL A 231 -15.23 12.16 -8.71
CA VAL A 231 -14.16 11.18 -8.62
C VAL A 231 -14.69 9.76 -8.36
N ASN A 232 -15.73 9.63 -7.54
CA ASN A 232 -16.33 8.33 -7.29
C ASN A 232 -16.98 7.71 -8.53
N LEU A 233 -17.75 8.50 -9.26
CA LEU A 233 -18.38 8.01 -10.49
C LEU A 233 -17.35 7.64 -11.54
N ALA A 234 -16.23 8.37 -11.55
CA ALA A 234 -15.17 8.12 -12.52
C ALA A 234 -14.51 6.76 -12.26
N VAL A 235 -14.25 6.48 -10.99
CA VAL A 235 -13.70 5.18 -10.58
C VAL A 235 -14.62 4.02 -10.98
N LEU A 236 -15.92 4.16 -10.69
CA LEU A 236 -16.91 3.14 -11.08
C LEU A 236 -16.97 2.97 -12.59
N LYS A 237 -16.79 4.06 -13.33
CA LYS A 237 -16.76 4.02 -14.78
C LYS A 237 -15.59 3.20 -15.33
N LEU A 238 -14.39 3.49 -14.82
CA LEU A 238 -13.18 2.76 -15.24
C LEU A 238 -13.24 1.27 -14.88
N SER A 239 -13.81 0.95 -13.73
CA SER A 239 -14.00 -0.44 -13.34
C SER A 239 -14.93 -1.18 -14.30
N GLU A 240 -16.01 -0.50 -14.70
CA GLU A 240 -16.99 -1.11 -15.58
C GLU A 240 -16.54 -1.25 -17.03
N GLN A 241 -15.42 -0.62 -17.37
CA GLN A 241 -14.94 -0.63 -18.76
C GLN A 241 -13.75 -1.55 -18.97
N GLY A 242 -13.29 -2.19 -17.90
CA GLY A 242 -12.15 -3.08 -17.99
C GLY A 242 -10.82 -2.34 -17.96
N ILE A 243 -10.85 -1.05 -17.67
CA ILE A 243 -9.62 -0.26 -17.61
C ILE A 243 -8.77 -0.64 -16.41
N LEU A 244 -9.41 -0.88 -15.27
CA LEU A 244 -8.70 -1.22 -14.04
C LEU A 244 -7.93 -2.53 -14.20
N ASP A 245 -8.62 -3.54 -14.70
CA ASP A 245 -8.01 -4.85 -14.92
C ASP A 245 -6.87 -4.74 -15.93
N LYS A 246 -7.12 -4.03 -17.01
CA LYS A 246 -6.12 -3.80 -18.05
C LYS A 246 -4.84 -3.23 -17.45
N LEU A 247 -4.98 -2.31 -16.50
CA LEU A 247 -3.83 -1.67 -15.86
C LEU A 247 -3.05 -2.55 -14.86
N LYS A 248 -3.74 -3.42 -14.15
CA LYS A 248 -3.05 -4.35 -13.23
C LYS A 248 -2.21 -5.32 -14.05
N ASN A 249 -2.79 -5.82 -15.15
CA ASN A 249 -2.08 -6.73 -16.04
C ASN A 249 -0.79 -6.10 -16.55
N LYS A 250 -0.88 -4.83 -16.94
CA LYS A 250 0.24 -4.10 -17.50
C LYS A 250 1.45 -4.02 -16.57
N TRP A 251 1.20 -3.70 -15.30
CA TRP A 251 2.29 -3.40 -14.36
C TRP A 251 2.68 -4.57 -13.46
N TRP A 252 1.87 -5.62 -13.45
CA TRP A 252 2.17 -6.79 -12.62
C TRP A 252 2.66 -7.99 -13.43
N TYR A 253 1.98 -8.28 -14.53
CA TYR A 253 2.08 -9.59 -15.14
C TYR A 253 2.55 -9.58 -16.61
N ASP A 254 2.19 -8.54 -17.34
CA ASP A 254 2.67 -8.38 -18.72
C ASP A 254 4.17 -8.16 -18.76
N LYS A 255 4.75 -7.85 -17.61
CA LYS A 255 6.20 -7.67 -17.53
C LYS A 255 6.84 -8.60 -16.49
N GLY A 256 6.16 -9.70 -16.18
CA GLY A 256 6.68 -10.68 -15.26
C GLY A 256 7.95 -11.32 -15.78
N GLU A 257 8.91 -11.53 -14.88
CA GLU A 257 10.22 -12.05 -15.26
C GLU A 257 10.39 -13.51 -14.84
N CYS A 258 9.44 -14.03 -14.09
CA CYS A 258 9.48 -15.41 -13.62
C CYS A 258 8.30 -16.22 -14.16
#